data_5YEJ
#
_entry.id   5YEJ
#
_cell.length_a   60.687
_cell.length_b   212.468
_cell.length_c   88.126
_cell.angle_alpha   90.00
_cell.angle_beta   99.43
_cell.angle_gamma   90.00
#
_symmetry.space_group_name_H-M   'C 1 2 1'
#
loop_
_entity.id
_entity.type
_entity.pdbx_description
1 polymer 'TetR family transcriptional regulator'
2 polymer "DNA (5'-D(*AP*CP*CP*TP*GP*AP*AP*CP*AP*CP*CP*GP*TP*TP*CP*AP*AP*GP*T)-3')"
3 polymer "DNA (5'-D(*AP*CP*TP*TP*GP*AP*AP*CP*GP*GP*TP*GP*TP*TP*CP*AP*GP*GP*T)-3')"
4 water water
#
loop_
_entity_poly.entity_id
_entity_poly.type
_entity_poly.pdbx_seq_one_letter_code
_entity_poly.pdbx_strand_id
1 'polypeptide(L)'
;MGSHHHHHHSSGLVPRGSHSDEVDAHMVQLHKPDVVAAATKILDDHGIADLTMRRLARELDVTPGALYWHFANKQELLGA
VADHILRTARTDTADLAWREQIHESCRALRDALLSHTDGAELVSASFASGQSVVITEIVEQLGRAARAAGVSDADVDAAA
RTVIYYVLGFTVDEQSRLQWDAVGALGDDQSMLTRDGTRQFRFGLQLLVDGLAAHGGGSEFTGFSSAERSFE
;
A,B,C
2 'polydeoxyribonucleotide' (DA)(DC)(DC)(DT)(DG)(DA)(DA)(DC)(DA)(DC)(DC)(DG)(DT)(DT)(DC)(DA)(DA)(DG)(DT) D,G
3 'polydeoxyribonucleotide' (DA)(DC)(DT)(DT)(DG)(DA)(DA)(DC)(DG)(DG)(DT)(DG)(DT)(DT)(DC)(DA)(DG)(DG)(DT) F
#
# COMPACT_ATOMS: atom_id res chain seq x y z
N GLN A 29 -1.38 -54.51 -12.86
CA GLN A 29 -2.66 -53.95 -13.30
C GLN A 29 -2.52 -52.48 -13.74
N LEU A 30 -2.84 -52.23 -15.01
CA LEU A 30 -2.65 -50.94 -15.68
C LEU A 30 -3.90 -50.07 -15.54
N HIS A 31 -3.72 -48.86 -15.02
CA HIS A 31 -4.84 -47.93 -14.87
C HIS A 31 -4.51 -46.63 -15.60
N LYS A 32 -5.55 -45.90 -16.00
CA LYS A 32 -5.36 -44.69 -16.81
C LYS A 32 -4.31 -43.73 -16.26
N PRO A 33 -4.23 -43.44 -14.96
CA PRO A 33 -3.19 -42.49 -14.51
C PRO A 33 -1.77 -43.05 -14.64
N ASP A 34 -1.59 -44.37 -14.55
CA ASP A 34 -0.36 -45.00 -15.01
C ASP A 34 0.05 -44.48 -16.39
N VAL A 35 -0.89 -44.64 -17.32
CA VAL A 35 -0.67 -44.30 -18.72
C VAL A 35 -0.29 -42.83 -18.84
N VAL A 36 -1.10 -41.95 -18.25
CA VAL A 36 -0.92 -40.52 -18.44
C VAL A 36 0.38 -40.06 -17.81
N ALA A 37 0.74 -40.64 -16.67
CA ALA A 37 2.03 -40.34 -16.07
C ALA A 37 3.16 -40.71 -17.02
N ALA A 38 3.12 -41.94 -17.57
CA ALA A 38 4.21 -42.42 -18.42
C ALA A 38 4.34 -41.61 -19.70
N ALA A 39 3.20 -41.25 -20.31
CA ALA A 39 3.22 -40.46 -21.53
C ALA A 39 3.71 -39.05 -21.27
N THR A 40 3.34 -38.50 -20.12
CA THR A 40 3.88 -37.21 -19.71
C THR A 40 5.39 -37.27 -19.58
N LYS A 41 5.91 -38.34 -18.99
CA LYS A 41 7.36 -38.49 -18.90
C LYS A 41 7.97 -38.54 -20.30
N ILE A 42 7.32 -39.22 -21.25
CA ILE A 42 7.84 -39.25 -22.61
C ILE A 42 7.85 -37.85 -23.21
N LEU A 43 6.79 -37.08 -22.96
CA LEU A 43 6.69 -35.74 -23.53
C LEU A 43 7.78 -34.82 -22.99
N ASP A 44 7.94 -34.79 -21.66
CA ASP A 44 9.00 -34.03 -21.03
C ASP A 44 10.37 -34.44 -21.57
N ASP A 45 10.61 -35.75 -21.70
CA ASP A 45 11.96 -36.22 -22.01
C ASP A 45 12.31 -36.15 -23.50
N HIS A 46 11.34 -36.29 -24.40
CA HIS A 46 11.64 -36.51 -25.81
C HIS A 46 10.79 -35.70 -26.79
N GLY A 47 9.71 -35.06 -26.37
CA GLY A 47 8.92 -34.25 -27.26
C GLY A 47 7.71 -34.98 -27.83
N ILE A 48 6.82 -34.19 -28.43
CA ILE A 48 5.51 -34.69 -28.84
C ILE A 48 5.59 -35.60 -30.06
N ALA A 49 6.72 -35.66 -30.75
CA ALA A 49 6.82 -36.54 -31.91
C ALA A 49 7.18 -37.97 -31.49
N ASP A 50 7.93 -38.10 -30.40
CA ASP A 50 8.24 -39.38 -29.79
C ASP A 50 7.11 -39.91 -28.90
N LEU A 51 6.04 -39.15 -28.69
CA LEU A 51 4.87 -39.64 -27.97
C LEU A 51 4.00 -40.38 -28.97
N THR A 52 4.24 -41.68 -29.10
CA THR A 52 3.43 -42.55 -29.94
C THR A 52 2.90 -43.70 -29.10
N MET A 53 1.71 -44.18 -29.47
CA MET A 53 1.11 -45.33 -28.81
C MET A 53 2.08 -46.50 -28.69
N ARG A 54 2.88 -46.74 -29.71
CA ARG A 54 3.82 -47.86 -29.59
C ARG A 54 4.89 -47.55 -28.54
N ARG A 55 5.52 -46.39 -28.65
CA ARG A 55 6.57 -46.03 -27.69
C ARG A 55 6.04 -46.01 -26.26
N LEU A 56 4.79 -45.56 -26.10
CA LEU A 56 4.14 -45.48 -24.79
C LEU A 56 3.86 -46.88 -24.23
N ALA A 57 3.45 -47.82 -25.09
CA ALA A 57 3.36 -49.22 -24.68
C ALA A 57 4.74 -49.79 -24.34
N ARG A 58 5.79 -49.29 -24.98
CA ARG A 58 7.13 -49.81 -24.73
C ARG A 58 7.61 -49.40 -23.33
N GLU A 59 7.28 -48.19 -22.89
CA GLU A 59 7.70 -47.71 -21.56
C GLU A 59 6.86 -48.30 -20.43
N LEU A 60 5.72 -48.90 -20.74
CA LEU A 60 4.87 -49.56 -19.76
C LEU A 60 4.98 -51.08 -19.80
N ASP A 61 5.84 -51.63 -20.67
CA ASP A 61 5.97 -53.08 -20.91
C ASP A 61 4.59 -53.70 -21.10
N VAL A 62 3.99 -53.35 -22.22
CA VAL A 62 2.66 -53.81 -22.57
C VAL A 62 2.59 -53.87 -24.09
N THR A 63 1.57 -54.55 -24.62
CA THR A 63 1.31 -54.66 -26.03
C THR A 63 0.59 -53.40 -26.53
N PRO A 64 0.96 -52.87 -27.70
CA PRO A 64 0.35 -51.61 -28.14
C PRO A 64 -1.17 -51.63 -28.12
N GLY A 65 -1.78 -52.79 -28.39
CA GLY A 65 -3.22 -52.89 -28.35
C GLY A 65 -3.79 -52.99 -26.95
N ALA A 66 -2.91 -52.98 -25.94
CA ALA A 66 -3.39 -52.85 -24.57
C ALA A 66 -4.00 -51.49 -24.35
N LEU A 67 -3.30 -50.43 -24.80
CA LEU A 67 -3.75 -49.08 -24.51
C LEU A 67 -5.16 -48.83 -25.04
N TYR A 68 -5.59 -49.57 -26.04
CA TYR A 68 -6.88 -49.36 -26.68
C TYR A 68 -8.05 -49.92 -25.87
N TRP A 69 -7.78 -50.67 -24.79
CA TRP A 69 -8.85 -51.01 -23.84
C TRP A 69 -9.22 -49.78 -22.99
N HIS A 70 -8.24 -49.00 -22.57
CA HIS A 70 -8.45 -47.83 -21.72
C HIS A 70 -8.79 -46.55 -22.49
N PHE A 71 -8.19 -46.33 -23.65
CA PHE A 71 -8.46 -45.13 -24.42
C PHE A 71 -8.98 -45.52 -25.79
N ALA A 72 -9.92 -44.74 -26.33
CA ALA A 72 -10.47 -45.06 -27.64
C ALA A 72 -9.43 -44.89 -28.76
N ASN A 73 -8.53 -43.91 -28.63
CA ASN A 73 -7.50 -43.71 -29.65
C ASN A 73 -6.46 -42.74 -29.11
N LYS A 74 -5.45 -42.45 -29.94
CA LYS A 74 -4.40 -41.52 -29.55
C LYS A 74 -4.95 -40.12 -29.25
N GLN A 75 -6.05 -39.73 -29.89
CA GLN A 75 -6.64 -38.42 -29.60
C GLN A 75 -7.11 -38.35 -28.15
N GLU A 76 -7.91 -39.33 -27.73
CA GLU A 76 -8.41 -39.37 -26.36
C GLU A 76 -7.26 -39.44 -25.35
N LEU A 77 -6.25 -40.26 -25.65
CA LEU A 77 -5.06 -40.32 -24.80
C LEU A 77 -4.37 -38.96 -24.69
N LEU A 78 -4.24 -38.24 -25.80
CA LEU A 78 -3.55 -36.95 -25.77
C LEU A 78 -4.39 -35.91 -25.04
N GLY A 79 -5.71 -36.00 -25.15
CA GLY A 79 -6.57 -35.15 -24.34
C GLY A 79 -6.37 -35.37 -22.85
N ALA A 80 -6.31 -36.63 -22.43
CA ALA A 80 -5.95 -36.93 -21.04
C ALA A 80 -4.59 -36.35 -20.68
N VAL A 81 -3.62 -36.40 -21.59
CA VAL A 81 -2.31 -35.86 -21.24
C VAL A 81 -2.40 -34.35 -21.10
N ALA A 82 -3.29 -33.73 -21.89
CA ALA A 82 -3.49 -32.30 -21.80
C ALA A 82 -4.11 -31.92 -20.46
N ASP A 83 -5.14 -32.66 -20.04
CA ASP A 83 -5.78 -32.41 -18.75
C ASP A 83 -4.79 -32.53 -17.60
N HIS A 84 -3.99 -33.60 -17.58
CA HIS A 84 -2.94 -33.71 -16.58
C HIS A 84 -1.96 -32.55 -16.66
N ILE A 85 -1.67 -32.09 -17.88
CA ILE A 85 -0.77 -30.95 -18.06
C ILE A 85 -1.34 -29.73 -17.35
N LEU A 86 -2.63 -29.47 -17.56
CA LEU A 86 -3.30 -28.24 -17.20
C LEU A 86 -3.97 -28.31 -15.82
N ARG A 87 -3.73 -29.35 -15.03
CA ARG A 87 -4.25 -29.32 -13.66
C ARG A 87 -3.69 -28.14 -12.89
N THR A 88 -2.47 -27.69 -13.22
CA THR A 88 -1.82 -26.55 -12.57
C THR A 88 -2.21 -25.19 -13.16
N ALA A 89 -2.86 -25.17 -14.32
CA ALA A 89 -3.21 -23.91 -14.98
C ALA A 89 -4.50 -23.28 -14.45
N ARG A 90 -5.29 -24.02 -13.69
CA ARG A 90 -6.52 -23.45 -13.15
C ARG A 90 -6.18 -22.67 -11.88
N THR A 91 -6.43 -21.37 -11.91
CA THR A 91 -6.24 -20.53 -10.75
C THR A 91 -7.56 -19.84 -10.44
N ASP A 92 -7.81 -19.65 -9.14
CA ASP A 92 -9.07 -19.05 -8.71
C ASP A 92 -9.09 -17.55 -9.00
N THR A 93 -10.24 -17.08 -9.52
CA THR A 93 -10.28 -15.73 -10.06
C THR A 93 -11.61 -15.00 -9.81
N ALA A 94 -12.44 -15.46 -8.86
CA ALA A 94 -13.78 -14.90 -8.69
C ALA A 94 -13.79 -13.59 -7.87
N ASP A 95 -12.82 -13.41 -6.98
CA ASP A 95 -12.70 -12.22 -6.16
C ASP A 95 -11.71 -11.23 -6.75
N LEU A 96 -11.73 -11.05 -8.07
CA LEU A 96 -10.76 -10.24 -8.78
C LEU A 96 -11.46 -9.54 -9.93
N ALA A 97 -10.93 -8.40 -10.34
CA ALA A 97 -11.59 -7.63 -11.38
C ALA A 97 -11.45 -8.33 -12.72
N TRP A 98 -12.31 -7.94 -13.66
CA TRP A 98 -12.39 -8.67 -14.92
C TRP A 98 -11.17 -8.50 -15.81
N ARG A 99 -10.26 -7.58 -15.52
CA ARG A 99 -8.98 -7.61 -16.24
C ARG A 99 -7.99 -8.52 -15.55
N GLU A 100 -7.90 -8.46 -14.23
CA GLU A 100 -7.05 -9.38 -13.50
C GLU A 100 -7.50 -10.83 -13.69
N GLN A 101 -8.80 -11.06 -13.89
CA GLN A 101 -9.31 -12.38 -14.24
C GLN A 101 -8.62 -12.90 -15.49
N ILE A 102 -8.70 -12.12 -16.58
CA ILE A 102 -8.08 -12.48 -17.85
C ILE A 102 -6.57 -12.66 -17.69
N HIS A 103 -5.86 -11.56 -17.39
CA HIS A 103 -4.41 -11.64 -17.26
C HIS A 103 -3.97 -12.82 -16.38
N GLU A 104 -4.65 -13.04 -15.26
CA GLU A 104 -4.21 -14.09 -14.36
C GLU A 104 -4.43 -15.46 -14.96
N SER A 105 -5.60 -15.66 -15.58
CA SER A 105 -5.87 -16.91 -16.27
C SER A 105 -4.81 -17.20 -17.34
N CYS A 106 -4.64 -16.26 -18.30
CA CYS A 106 -3.71 -16.44 -19.40
C CYS A 106 -2.27 -16.65 -18.91
N ARG A 107 -1.84 -15.90 -17.89
CA ARG A 107 -0.52 -16.13 -17.30
C ARG A 107 -0.39 -17.57 -16.77
N ALA A 108 -1.42 -18.06 -16.08
CA ALA A 108 -1.36 -19.41 -15.51
C ALA A 108 -1.31 -20.47 -16.61
N LEU A 109 -2.13 -20.31 -17.65
CA LEU A 109 -2.10 -21.19 -18.80
C LEU A 109 -0.70 -21.23 -19.43
N ARG A 110 -0.24 -20.09 -19.95
CA ARG A 110 1.08 -20.01 -20.58
C ARG A 110 2.19 -20.59 -19.70
N ASP A 111 2.08 -20.46 -18.38
CA ASP A 111 3.13 -21.02 -17.53
C ASP A 111 2.96 -22.53 -17.34
N ALA A 112 1.73 -23.04 -17.41
CA ALA A 112 1.56 -24.49 -17.42
C ALA A 112 2.10 -25.10 -18.71
N LEU A 113 1.94 -24.37 -19.83
CA LEU A 113 2.38 -24.90 -21.12
C LEU A 113 3.90 -24.85 -21.23
N LEU A 114 4.51 -23.72 -20.86
CA LEU A 114 5.97 -23.59 -20.96
C LEU A 114 6.74 -24.49 -20.01
N SER A 115 6.08 -25.36 -19.26
CA SER A 115 6.75 -26.20 -18.28
C SER A 115 6.83 -27.63 -18.76
N HIS A 116 6.47 -27.87 -20.03
CA HIS A 116 6.52 -29.18 -20.63
C HIS A 116 6.89 -29.04 -22.09
N THR A 117 7.91 -29.80 -22.52
CA THR A 117 8.30 -29.84 -23.92
C THR A 117 7.08 -30.01 -24.80
N ASP A 118 6.95 -29.15 -25.78
CA ASP A 118 5.82 -29.13 -26.70
C ASP A 118 4.48 -29.08 -25.98
N GLY A 119 4.45 -28.58 -24.74
CA GLY A 119 3.20 -28.49 -24.00
C GLY A 119 2.12 -27.75 -24.78
N ALA A 120 2.50 -26.67 -25.47
CA ALA A 120 1.53 -25.82 -26.16
C ALA A 120 1.04 -26.45 -27.46
N GLU A 121 1.89 -27.22 -28.15
CA GLU A 121 1.39 -27.96 -29.29
C GLU A 121 0.42 -29.04 -28.85
N LEU A 122 0.76 -29.77 -27.78
CA LEU A 122 -0.11 -30.82 -27.28
C LEU A 122 -1.47 -30.27 -26.89
N VAL A 123 -1.48 -29.24 -26.04
CA VAL A 123 -2.74 -28.66 -25.59
C VAL A 123 -3.50 -28.05 -26.75
N SER A 124 -2.78 -27.44 -27.69
CA SER A 124 -3.47 -26.87 -28.84
C SER A 124 -4.15 -27.95 -29.69
N ALA A 125 -3.47 -29.09 -29.89
CA ALA A 125 -4.06 -30.19 -30.66
C ALA A 125 -5.27 -30.78 -29.95
N SER A 126 -5.19 -30.97 -28.62
CA SER A 126 -6.34 -31.44 -27.84
C SER A 126 -7.52 -30.46 -27.87
N PHE A 127 -7.24 -29.15 -27.93
CA PHE A 127 -8.31 -28.17 -28.08
C PHE A 127 -8.94 -28.24 -29.47
N ALA A 128 -8.15 -28.49 -30.51
CA ALA A 128 -8.76 -28.65 -31.83
C ALA A 128 -9.50 -29.98 -31.97
N SER A 129 -9.09 -31.00 -31.20
CA SER A 129 -9.78 -32.28 -31.20
C SER A 129 -11.11 -32.19 -30.47
N GLY A 130 -11.15 -31.49 -29.35
CA GLY A 130 -12.28 -31.52 -28.47
C GLY A 130 -12.10 -32.45 -27.31
N GLN A 131 -10.87 -32.65 -26.84
CA GLN A 131 -10.57 -33.73 -25.91
C GLN A 131 -9.85 -33.26 -24.66
N SER A 132 -9.81 -31.96 -24.39
CA SER A 132 -9.41 -31.49 -23.07
C SER A 132 -10.61 -30.82 -22.43
N VAL A 133 -11.05 -31.37 -21.31
CA VAL A 133 -12.20 -30.76 -20.64
C VAL A 133 -11.78 -29.49 -19.91
N VAL A 134 -10.54 -29.42 -19.40
CA VAL A 134 -10.15 -28.22 -18.67
C VAL A 134 -9.78 -27.06 -19.58
N ILE A 135 -9.39 -27.31 -20.83
CA ILE A 135 -9.24 -26.15 -21.71
C ILE A 135 -10.61 -25.55 -21.98
N THR A 136 -11.65 -26.38 -22.00
CA THR A 136 -13.01 -25.89 -22.09
C THR A 136 -13.40 -25.14 -20.83
N GLU A 137 -12.98 -25.63 -19.66
CA GLU A 137 -13.25 -24.93 -18.41
C GLU A 137 -12.59 -23.55 -18.41
N ILE A 138 -11.36 -23.45 -18.92
CA ILE A 138 -10.67 -22.16 -18.97
C ILE A 138 -11.36 -21.23 -19.94
N VAL A 139 -11.91 -21.76 -21.03
CA VAL A 139 -12.67 -20.92 -21.94
C VAL A 139 -13.96 -20.42 -21.27
N GLU A 140 -14.57 -21.26 -20.43
CA GLU A 140 -15.73 -20.79 -19.67
C GLU A 140 -15.34 -19.68 -18.72
N GLN A 141 -14.22 -19.88 -18.05
CA GLN A 141 -13.71 -18.96 -17.07
C GLN A 141 -13.43 -17.61 -17.65
N LEU A 142 -12.94 -17.56 -18.87
CA LEU A 142 -12.67 -16.26 -19.45
C LEU A 142 -13.88 -15.74 -20.19
N GLY A 143 -14.87 -16.59 -20.38
CA GLY A 143 -16.09 -16.15 -21.02
C GLY A 143 -16.84 -15.36 -19.98
N ARG A 144 -16.78 -15.83 -18.75
CA ARG A 144 -17.40 -15.15 -17.64
C ARG A 144 -16.80 -13.78 -17.55
N ALA A 145 -15.47 -13.70 -17.58
CA ALA A 145 -14.78 -12.41 -17.53
C ALA A 145 -15.11 -11.49 -18.70
N ALA A 146 -15.41 -12.03 -19.87
CA ALA A 146 -15.77 -11.20 -20.98
C ALA A 146 -17.16 -10.68 -20.73
N ARG A 147 -18.01 -11.51 -20.14
CA ARG A 147 -19.37 -11.10 -19.85
C ARG A 147 -19.29 -9.94 -18.89
N ALA A 148 -18.60 -10.19 -17.79
CA ALA A 148 -18.44 -9.23 -16.73
C ALA A 148 -17.78 -7.99 -17.20
N ALA A 149 -17.57 -7.88 -18.49
CA ALA A 149 -16.95 -6.68 -18.99
C ALA A 149 -17.90 -5.91 -19.85
N GLY A 150 -19.06 -6.48 -20.13
CA GLY A 150 -20.01 -5.76 -20.92
C GLY A 150 -20.29 -6.26 -22.31
N VAL A 151 -19.68 -7.35 -22.75
CA VAL A 151 -20.03 -7.77 -24.09
C VAL A 151 -21.35 -8.47 -23.99
N SER A 152 -22.13 -8.44 -25.06
CA SER A 152 -23.43 -9.08 -25.06
C SER A 152 -23.39 -10.58 -24.86
N ASP A 153 -24.50 -11.13 -24.42
CA ASP A 153 -24.57 -12.56 -24.17
C ASP A 153 -24.30 -13.44 -25.39
N ALA A 154 -24.66 -12.99 -26.58
CA ALA A 154 -24.44 -13.79 -27.77
C ALA A 154 -23.04 -13.67 -28.36
N ASP A 155 -22.19 -12.85 -27.78
CA ASP A 155 -20.86 -12.70 -28.30
C ASP A 155 -19.82 -13.15 -27.29
N VAL A 156 -20.27 -13.74 -26.21
CA VAL A 156 -19.35 -14.15 -25.19
C VAL A 156 -18.46 -15.30 -25.57
N ASP A 157 -19.03 -16.28 -26.25
CA ASP A 157 -18.26 -17.43 -26.64
C ASP A 157 -17.20 -17.02 -27.62
N ALA A 158 -17.58 -16.22 -28.58
CA ALA A 158 -16.65 -15.76 -29.59
C ALA A 158 -15.46 -15.08 -28.94
N ALA A 159 -15.72 -14.23 -27.98
CA ALA A 159 -14.64 -13.55 -27.33
C ALA A 159 -13.70 -14.50 -26.64
N ALA A 160 -14.21 -15.26 -25.70
CA ALA A 160 -13.35 -16.18 -24.97
C ALA A 160 -12.47 -17.01 -25.91
N ARG A 161 -13.08 -17.56 -26.96
CA ARG A 161 -12.29 -18.32 -27.92
C ARG A 161 -11.17 -17.45 -28.49
N THR A 162 -11.50 -16.22 -28.90
CA THR A 162 -10.51 -15.23 -29.33
C THR A 162 -9.31 -15.20 -28.40
N VAL A 163 -9.57 -14.98 -27.12
CA VAL A 163 -8.48 -14.96 -26.16
C VAL A 163 -7.63 -16.22 -26.29
N ILE A 164 -8.26 -17.42 -26.23
CA ILE A 164 -7.37 -18.59 -26.19
C ILE A 164 -6.70 -18.87 -27.52
N TYR A 165 -7.35 -18.57 -28.65
CA TYR A 165 -6.64 -18.61 -29.93
C TYR A 165 -5.35 -17.83 -29.81
N TYR A 166 -5.42 -16.63 -29.24
CA TYR A 166 -4.20 -15.83 -29.09
C TYR A 166 -3.16 -16.54 -28.22
N VAL A 167 -3.55 -16.98 -27.02
CA VAL A 167 -2.47 -17.43 -26.12
C VAL A 167 -1.91 -18.80 -26.55
N LEU A 168 -2.75 -19.67 -27.13
CA LEU A 168 -2.25 -20.91 -27.71
C LEU A 168 -1.29 -20.64 -28.87
N GLY A 169 -1.74 -19.84 -29.86
CA GLY A 169 -0.84 -19.43 -30.93
C GLY A 169 0.49 -18.87 -30.43
N PHE A 170 0.41 -17.92 -29.50
CA PHE A 170 1.61 -17.28 -28.99
C PHE A 170 2.55 -18.27 -28.37
N THR A 171 2.04 -19.12 -27.46
CA THR A 171 2.94 -20.03 -26.77
C THR A 171 3.49 -21.10 -27.70
N VAL A 172 2.75 -21.50 -28.72
CA VAL A 172 3.33 -22.40 -29.72
C VAL A 172 4.56 -21.76 -30.33
N ASP A 173 4.41 -20.54 -30.85
CA ASP A 173 5.54 -19.82 -31.45
C ASP A 173 6.68 -19.66 -30.44
N GLU A 174 6.35 -19.26 -29.22
CA GLU A 174 7.35 -18.96 -28.21
C GLU A 174 8.14 -20.22 -27.83
N GLN A 175 7.43 -21.35 -27.68
CA GLN A 175 8.06 -22.60 -27.29
C GLN A 175 8.91 -23.18 -28.42
N SER A 176 8.44 -23.03 -29.68
CA SER A 176 9.29 -23.24 -30.84
C SER A 176 10.62 -22.52 -30.65
N ARG A 177 10.58 -21.17 -30.62
CA ARG A 177 11.82 -20.41 -30.60
C ARG A 177 12.72 -20.79 -29.43
N LEU A 178 12.15 -20.96 -28.24
CA LEU A 178 12.91 -21.39 -27.07
C LEU A 178 13.63 -22.72 -27.31
N GLN A 179 12.91 -23.72 -27.82
CA GLN A 179 13.49 -25.04 -27.98
C GLN A 179 14.61 -25.08 -29.02
N TRP A 180 14.76 -24.05 -29.86
CA TRP A 180 15.91 -23.97 -30.76
C TRP A 180 16.88 -22.87 -30.35
N ARG A 199 6.58 -11.85 -20.40
CA ARG A 199 6.98 -11.51 -21.75
C ARG A 199 6.07 -10.42 -22.36
N GLN A 200 6.46 -9.96 -23.57
CA GLN A 200 5.65 -9.20 -24.54
C GLN A 200 4.41 -9.98 -25.00
N PHE A 201 4.24 -11.16 -24.41
CA PHE A 201 2.93 -11.77 -24.27
C PHE A 201 1.91 -10.73 -23.76
N ARG A 202 2.31 -9.95 -22.75
CA ARG A 202 1.38 -8.99 -22.15
C ARG A 202 0.91 -7.94 -23.14
N PHE A 203 1.74 -7.59 -24.14
CA PHE A 203 1.33 -6.62 -25.14
C PHE A 203 0.13 -7.13 -25.95
N GLY A 204 0.29 -8.31 -26.57
CA GLY A 204 -0.79 -8.87 -27.34
C GLY A 204 -2.03 -9.09 -26.49
N LEU A 205 -1.85 -9.49 -25.24
CA LEU A 205 -3.00 -9.71 -24.37
C LEU A 205 -3.72 -8.39 -24.05
N GLN A 206 -2.98 -7.31 -23.81
CA GLN A 206 -3.62 -6.04 -23.51
C GLN A 206 -4.35 -5.49 -24.71
N LEU A 207 -3.87 -5.79 -25.91
CA LEU A 207 -4.59 -5.41 -27.13
C LEU A 207 -6.04 -5.92 -27.13
N LEU A 208 -6.22 -7.12 -26.59
CA LEU A 208 -7.50 -7.80 -26.46
C LEU A 208 -8.31 -7.24 -25.31
N VAL A 209 -7.67 -7.00 -24.16
CA VAL A 209 -8.46 -6.45 -23.06
C VAL A 209 -8.91 -5.02 -23.38
N ASP A 210 -8.23 -4.33 -24.31
CA ASP A 210 -8.69 -3.04 -24.80
C ASP A 210 -9.81 -3.20 -25.83
N GLY A 211 -9.65 -4.10 -26.84
CA GLY A 211 -10.81 -4.41 -27.67
C GLY A 211 -12.04 -4.72 -26.84
N LEU A 212 -11.83 -5.27 -25.64
CA LEU A 212 -12.90 -5.62 -24.72
C LEU A 212 -13.43 -4.43 -23.91
N ALA A 213 -12.57 -3.48 -23.54
CA ALA A 213 -13.00 -2.29 -22.81
C ALA A 213 -14.22 -1.63 -23.46
N ALA A 214 -14.12 -1.30 -24.75
CA ALA A 214 -15.34 -1.01 -25.49
C ALA A 214 -16.25 -2.23 -25.44
N HIS A 215 -17.54 -2.00 -25.17
CA HIS A 215 -18.45 -3.13 -24.94
C HIS A 215 -18.72 -3.98 -26.21
N GLN B 29 24.77 42.97 4.69
CA GLN B 29 23.76 42.76 3.66
C GLN B 29 23.18 41.34 3.73
N LEU B 30 21.87 41.25 4.05
CA LEU B 30 21.22 39.99 4.43
C LEU B 30 20.85 39.14 3.22
N HIS B 31 21.38 37.92 3.16
CA HIS B 31 21.08 36.95 2.12
C HIS B 31 20.17 35.85 2.64
N LYS B 32 19.20 35.41 1.82
CA LYS B 32 18.26 34.41 2.27
C LYS B 32 18.90 33.08 2.64
N PRO B 33 19.87 32.54 1.89
CA PRO B 33 20.58 31.36 2.40
C PRO B 33 21.17 31.56 3.78
N ASP B 34 21.64 32.77 4.09
CA ASP B 34 22.21 33.03 5.41
C ASP B 34 21.15 32.97 6.52
N VAL B 35 20.02 33.67 6.35
CA VAL B 35 18.98 33.62 7.38
C VAL B 35 18.46 32.20 7.52
N VAL B 36 18.34 31.47 6.42
CA VAL B 36 17.94 30.07 6.53
C VAL B 36 18.97 29.29 7.34
N ALA B 37 20.25 29.57 7.11
CA ALA B 37 21.30 28.88 7.85
C ALA B 37 21.19 29.16 9.35
N ALA B 38 21.05 30.43 9.72
CA ALA B 38 20.97 30.80 11.13
C ALA B 38 19.74 30.19 11.79
N ALA B 39 18.60 30.21 11.10
CA ALA B 39 17.41 29.59 11.65
C ALA B 39 17.64 28.11 11.91
N THR B 40 18.25 27.42 10.93
CA THR B 40 18.58 26.00 11.14
C THR B 40 19.48 25.82 12.37
N LYS B 41 20.54 26.63 12.47
CA LYS B 41 21.39 26.55 13.66
C LYS B 41 20.61 26.77 14.96
N ILE B 42 19.58 27.62 14.93
CA ILE B 42 18.77 27.84 16.11
C ILE B 42 17.89 26.62 16.41
N LEU B 43 17.33 26.01 15.36
CA LEU B 43 16.52 24.81 15.55
C LEU B 43 17.35 23.68 16.12
N ASP B 44 18.55 23.46 15.56
CA ASP B 44 19.52 22.50 16.07
C ASP B 44 19.80 22.73 17.55
N ASP B 45 20.46 23.85 17.87
CA ASP B 45 20.92 24.04 19.25
C ASP B 45 19.77 24.14 20.25
N HIS B 46 18.62 24.70 19.85
CA HIS B 46 17.63 25.16 20.83
C HIS B 46 16.21 24.62 20.65
N GLY B 47 15.85 24.06 19.50
CA GLY B 47 14.54 23.44 19.39
C GLY B 47 13.53 24.31 18.65
N ILE B 48 12.46 23.67 18.17
CA ILE B 48 11.55 24.35 17.25
C ILE B 48 10.66 25.33 17.99
N ALA B 49 10.44 25.11 19.29
CA ALA B 49 9.69 26.07 20.08
C ALA B 49 10.47 27.38 20.27
N ASP B 50 11.78 27.35 20.08
CA ASP B 50 12.61 28.54 20.14
C ASP B 50 12.81 29.21 18.79
N LEU B 51 12.15 28.73 17.74
CA LEU B 51 12.31 29.34 16.43
C LEU B 51 11.34 30.50 16.35
N THR B 52 11.76 31.64 16.87
CA THR B 52 10.95 32.83 16.84
C THR B 52 11.62 33.89 16.00
N MET B 53 10.81 34.71 15.32
CA MET B 53 11.32 35.81 14.53
C MET B 53 12.25 36.70 15.35
N ARG B 54 11.91 36.95 16.62
CA ARG B 54 12.72 37.86 17.43
C ARG B 54 14.09 37.25 17.74
N ARG B 55 14.13 35.94 18.02
CA ARG B 55 15.41 35.31 18.34
C ARG B 55 16.25 35.09 17.09
N LEU B 56 15.61 34.70 15.99
CA LEU B 56 16.32 34.66 14.71
C LEU B 56 16.94 36.03 14.41
N ALA B 57 16.16 37.09 14.59
CA ALA B 57 16.69 38.43 14.41
C ALA B 57 17.89 38.67 15.31
N ARG B 58 17.81 38.21 16.57
CA ARG B 58 18.95 38.32 17.48
C ARG B 58 20.19 37.66 16.90
N GLU B 59 20.05 36.43 16.40
CA GLU B 59 21.21 35.71 15.85
C GLU B 59 21.81 36.44 14.66
N LEU B 60 20.95 36.99 13.80
CA LEU B 60 21.45 37.73 12.65
C LEU B 60 21.84 39.17 12.97
N ASP B 61 21.54 39.65 14.19
CA ASP B 61 21.85 41.02 14.62
C ASP B 61 21.02 42.04 13.84
N VAL B 62 19.70 41.86 13.81
CA VAL B 62 18.80 42.73 13.06
C VAL B 62 17.47 42.86 13.81
N THR B 63 16.62 43.72 13.28
CA THR B 63 15.25 43.88 13.78
C THR B 63 14.38 42.74 13.24
N PRO B 64 13.37 42.32 13.99
CA PRO B 64 12.49 41.27 13.45
C PRO B 64 11.78 41.69 12.17
N GLY B 65 11.52 42.98 12.00
CA GLY B 65 10.85 43.43 10.79
C GLY B 65 11.69 43.18 9.57
N ALA B 66 13.01 43.19 9.74
CA ALA B 66 13.95 42.95 8.66
C ALA B 66 13.76 41.57 8.03
N LEU B 67 13.32 40.57 8.81
CA LEU B 67 13.10 39.26 8.21
C LEU B 67 11.96 39.29 7.22
N TYR B 68 11.02 40.23 7.37
CA TYR B 68 9.82 40.22 6.53
C TYR B 68 10.04 40.87 5.17
N TRP B 69 11.21 41.50 4.94
CA TRP B 69 11.56 41.91 3.59
C TRP B 69 11.90 40.72 2.71
N HIS B 70 12.55 39.71 3.28
CA HIS B 70 13.02 38.57 2.52
C HIS B 70 12.08 37.38 2.56
N PHE B 71 11.24 37.26 3.58
CA PHE B 71 10.29 36.16 3.64
C PHE B 71 8.88 36.72 3.83
N ALA B 72 7.90 36.07 3.20
CA ALA B 72 6.52 36.52 3.32
C ALA B 72 6.02 36.44 4.76
N ASN B 73 6.40 35.38 5.48
CA ASN B 73 6.04 35.18 6.88
C ASN B 73 6.87 34.02 7.44
N LYS B 74 6.62 33.71 8.71
CA LYS B 74 7.33 32.61 9.37
C LYS B 74 7.14 31.29 8.63
N GLN B 75 5.95 31.04 8.09
CA GLN B 75 5.67 29.74 7.47
C GLN B 75 6.61 29.48 6.29
N GLU B 76 6.73 30.46 5.39
CA GLU B 76 7.62 30.29 4.25
C GLU B 76 9.07 30.08 4.72
N LEU B 77 9.42 30.66 5.87
CA LEU B 77 10.77 30.48 6.40
C LEU B 77 10.98 29.04 6.86
N LEU B 78 10.02 28.51 7.62
CA LEU B 78 10.10 27.11 8.05
C LEU B 78 10.14 26.17 6.85
N GLY B 79 9.45 26.52 5.76
CA GLY B 79 9.55 25.70 4.57
C GLY B 79 10.96 25.69 3.98
N ALA B 80 11.58 26.87 3.89
CA ALA B 80 12.98 26.92 3.49
C ALA B 80 13.85 26.06 4.40
N VAL B 81 13.68 26.19 5.71
CA VAL B 81 14.49 25.41 6.65
C VAL B 81 14.26 23.92 6.42
N ALA B 82 13.04 23.53 6.08
CA ALA B 82 12.75 22.13 5.77
C ALA B 82 13.54 21.68 4.55
N ASP B 83 13.55 22.48 3.49
CA ASP B 83 14.28 22.05 2.30
C ASP B 83 15.79 22.01 2.53
N HIS B 84 16.27 22.83 3.44
CA HIS B 84 17.68 22.81 3.72
C HIS B 84 18.09 21.51 4.38
N ILE B 85 17.29 21.02 5.33
CA ILE B 85 17.65 19.77 5.98
C ILE B 85 17.38 18.61 5.07
N LEU B 86 16.38 18.76 4.20
CA LEU B 86 16.04 17.75 3.24
C LEU B 86 17.11 17.63 2.17
N ARG B 87 17.81 18.73 1.88
CA ARG B 87 18.89 18.76 0.90
C ARG B 87 19.90 17.61 1.03
N THR B 88 20.31 17.27 2.24
CA THR B 88 21.22 16.19 2.45
C THR B 88 20.48 14.89 2.74
N ALA B 89 19.50 14.53 1.93
CA ALA B 89 18.77 13.31 2.22
C ALA B 89 18.43 12.56 0.97
N ARG B 90 18.74 13.13 -0.17
CA ARG B 90 18.49 12.41 -1.39
C ARG B 90 19.64 11.44 -1.56
N THR B 91 19.40 10.32 -2.23
CA THR B 91 20.48 9.37 -2.41
C THR B 91 20.47 8.81 -3.80
N ASP B 92 21.61 8.29 -4.20
CA ASP B 92 21.80 7.70 -5.51
C ASP B 92 21.08 6.37 -5.55
N THR B 93 20.04 6.29 -6.36
CA THR B 93 19.26 5.07 -6.48
C THR B 93 19.92 4.01 -7.39
N ASP B 95 20.46 1.80 -9.56
CA ASP B 95 20.76 0.39 -9.84
C ASP B 95 20.55 -0.45 -8.58
N LEU B 96 19.30 -0.54 -8.13
CA LEU B 96 18.94 -1.36 -6.98
C LEU B 96 17.62 -2.05 -7.23
N ALA B 97 17.49 -3.27 -6.69
CA ALA B 97 16.17 -3.87 -6.55
C ALA B 97 15.31 -2.96 -5.68
N TRP B 98 14.04 -2.78 -6.09
CA TRP B 98 13.19 -1.77 -5.46
C TRP B 98 13.12 -1.89 -3.94
N ARG B 99 13.37 -3.09 -3.38
CA ARG B 99 13.42 -3.24 -1.93
C ARG B 99 14.56 -2.40 -1.34
N GLU B 100 15.76 -2.53 -1.92
CA GLU B 100 16.88 -1.73 -1.44
C GLU B 100 16.71 -0.26 -1.78
N GLN B 101 15.95 0.06 -2.84
CA GLN B 101 15.72 1.45 -3.18
C GLN B 101 14.84 2.14 -2.14
N ILE B 102 13.77 1.46 -1.70
CA ILE B 102 12.94 2.08 -0.67
C ILE B 102 13.65 2.04 0.69
N HIS B 103 14.36 0.94 0.99
CA HIS B 103 15.07 0.89 2.27
C HIS B 103 16.13 1.99 2.37
N GLU B 104 16.85 2.25 1.28
CA GLU B 104 17.89 3.27 1.36
C GLU B 104 17.30 4.68 1.31
N SER B 105 16.24 4.89 0.53
CA SER B 105 15.59 6.19 0.57
C SER B 105 15.10 6.51 1.97
N CYS B 106 14.46 5.53 2.64
CA CYS B 106 13.91 5.77 3.97
C CYS B 106 15.01 5.91 5.01
N ARG B 107 16.07 5.12 4.91
CA ARG B 107 17.12 5.28 5.92
C ARG B 107 17.80 6.62 5.74
N ALA B 108 17.92 7.10 4.51
CA ALA B 108 18.52 8.42 4.25
C ALA B 108 17.62 9.53 4.80
N LEU B 109 16.33 9.49 4.46
CA LEU B 109 15.38 10.47 4.97
C LEU B 109 15.40 10.51 6.49
N ARG B 110 15.29 9.34 7.14
CA ARG B 110 15.25 9.34 8.59
C ARG B 110 16.58 9.78 9.20
N ASP B 111 17.70 9.52 8.51
CA ASP B 111 18.98 9.99 9.04
C ASP B 111 19.04 11.51 9.02
N ALA B 112 18.60 12.11 7.91
CA ALA B 112 18.57 13.57 7.80
C ALA B 112 17.67 14.19 8.86
N LEU B 113 16.45 13.66 9.01
CA LEU B 113 15.57 14.09 10.09
C LEU B 113 16.27 14.00 11.45
N LEU B 114 16.87 12.85 11.75
CA LEU B 114 17.42 12.60 13.08
C LEU B 114 18.63 13.46 13.39
N SER B 115 19.29 14.01 12.37
CA SER B 115 20.45 14.85 12.62
C SER B 115 20.10 16.29 13.00
N HIS B 116 18.82 16.64 13.08
CA HIS B 116 18.38 17.97 13.48
C HIS B 116 17.32 17.87 14.57
N THR B 117 17.53 18.59 15.67
CA THR B 117 16.52 18.71 16.72
C THR B 117 15.15 19.05 16.15
N ASP B 118 14.14 18.27 16.53
CA ASP B 118 12.76 18.45 16.06
C ASP B 118 12.66 18.48 14.55
N GLY B 119 13.68 17.95 13.86
CA GLY B 119 13.68 17.97 12.40
C GLY B 119 12.46 17.31 11.79
N ALA B 120 11.99 16.22 12.40
CA ALA B 120 10.83 15.52 11.87
C ALA B 120 9.54 16.30 12.11
N GLU B 121 9.40 16.92 13.29
CA GLU B 121 8.27 17.82 13.51
C GLU B 121 8.26 18.92 12.46
N LEU B 122 9.41 19.57 12.25
CA LEU B 122 9.51 20.68 11.30
C LEU B 122 9.16 20.24 9.88
N VAL B 123 9.85 19.22 9.35
CA VAL B 123 9.60 18.91 7.96
C VAL B 123 8.24 18.24 7.77
N SER B 124 7.72 17.56 8.80
CA SER B 124 6.37 16.99 8.66
C SER B 124 5.32 18.09 8.61
N ALA B 125 5.48 19.13 9.44
CA ALA B 125 4.60 20.29 9.33
C ALA B 125 4.72 20.95 7.96
N SER B 126 5.96 21.09 7.46
CA SER B 126 6.17 21.73 6.16
C SER B 126 5.56 20.93 5.02
N PHE B 127 5.60 19.59 5.12
CA PHE B 127 5.05 18.73 4.08
C PHE B 127 3.52 18.69 4.13
N ALA B 128 2.93 18.76 5.33
CA ALA B 128 1.49 18.94 5.44
C ALA B 128 1.04 20.32 4.98
N SER B 129 1.96 21.30 4.95
CA SER B 129 1.66 22.60 4.36
C SER B 129 1.70 22.57 2.84
N GLY B 130 2.68 21.89 2.26
CA GLY B 130 2.97 21.95 0.84
C GLY B 130 4.25 22.69 0.51
N GLN B 131 4.90 23.28 1.52
CA GLN B 131 6.11 24.08 1.38
C GLN B 131 7.34 23.26 1.07
N SER B 132 7.29 21.94 1.19
CA SER B 132 8.45 21.08 0.95
C SER B 132 8.45 20.65 -0.52
N VAL B 133 9.40 21.17 -1.29
CA VAL B 133 9.60 20.73 -2.67
C VAL B 133 10.54 19.53 -2.75
N VAL B 134 11.20 19.17 -1.66
CA VAL B 134 12.10 18.03 -1.67
C VAL B 134 11.37 16.73 -1.32
N ILE B 135 10.43 16.78 -0.36
CA ILE B 135 9.63 15.60 -0.05
C ILE B 135 8.92 15.11 -1.30
N THR B 136 8.42 16.03 -2.11
CA THR B 136 7.70 15.67 -3.33
C THR B 136 8.56 14.87 -4.30
N GLU B 137 9.87 15.17 -4.36
CA GLU B 137 10.78 14.36 -5.17
C GLU B 137 11.02 12.97 -4.58
N ILE B 138 10.81 12.81 -3.26
CA ILE B 138 10.99 11.51 -2.63
C ILE B 138 9.73 10.67 -2.77
N VAL B 139 8.55 11.28 -2.88
CA VAL B 139 7.41 10.48 -3.33
C VAL B 139 7.55 10.20 -4.82
N GLU B 140 8.22 11.10 -5.56
CA GLU B 140 8.47 10.87 -6.97
C GLU B 140 9.37 9.65 -7.18
N GLN B 141 10.35 9.46 -6.29
CA GLN B 141 11.26 8.32 -6.40
C GLN B 141 10.65 7.04 -5.83
N LEU B 142 10.07 7.13 -4.63
CA LEU B 142 9.41 5.99 -4.02
C LEU B 142 8.33 5.41 -4.93
N GLY B 143 7.41 6.27 -5.40
CA GLY B 143 6.34 5.80 -6.27
C GLY B 143 6.84 5.02 -7.48
N ARG B 144 8.00 5.43 -8.02
CA ARG B 144 8.60 4.68 -9.11
C ARG B 144 9.10 3.31 -8.65
N ALA B 145 9.77 3.26 -7.49
CA ALA B 145 10.18 1.96 -6.96
C ALA B 145 8.98 1.03 -6.74
N ALA B 146 7.86 1.57 -6.26
CA ALA B 146 6.67 0.74 -6.08
C ALA B 146 6.07 0.32 -7.41
N ARG B 147 6.18 1.17 -8.45
CA ARG B 147 5.83 0.71 -9.80
C ARG B 147 6.66 -0.49 -10.20
N ALA B 148 7.96 -0.46 -9.84
CA ALA B 148 8.83 -1.62 -10.05
C ALA B 148 8.42 -2.83 -9.22
N ALA B 149 7.74 -2.61 -8.10
CA ALA B 149 7.20 -3.74 -7.34
C ALA B 149 5.90 -4.28 -7.93
N GLY B 150 5.28 -3.58 -8.88
CA GLY B 150 4.12 -4.11 -9.58
C GLY B 150 2.79 -3.49 -9.24
N VAL B 151 2.74 -2.42 -8.43
CA VAL B 151 1.47 -1.77 -8.18
C VAL B 151 1.01 -1.06 -9.45
N SER B 152 -0.30 -0.93 -9.61
CA SER B 152 -0.86 -0.26 -10.77
C SER B 152 -0.44 1.21 -10.77
N ASP B 153 0.02 1.71 -11.92
CA ASP B 153 0.46 3.09 -12.04
C ASP B 153 -0.66 4.09 -11.76
N ALA B 154 -1.89 3.62 -11.60
CA ALA B 154 -2.95 4.48 -11.06
C ALA B 154 -2.75 4.71 -9.56
N ASP B 155 -2.40 3.64 -8.82
CA ASP B 155 -2.30 3.67 -7.37
C ASP B 155 -0.87 3.88 -6.88
N VAL B 156 -0.03 4.56 -7.66
CA VAL B 156 1.36 4.69 -7.26
C VAL B 156 1.54 5.75 -6.18
N ASP B 157 0.97 6.94 -6.38
CA ASP B 157 1.21 8.04 -5.45
C ASP B 157 0.75 7.68 -4.04
N ALA B 158 -0.36 6.96 -3.91
CA ALA B 158 -0.83 6.56 -2.58
C ALA B 158 0.14 5.60 -1.90
N ALA B 159 0.78 4.71 -2.66
CA ALA B 159 1.79 3.84 -2.08
C ALA B 159 2.93 4.65 -1.49
N ALA B 160 3.61 5.44 -2.34
CA ALA B 160 4.72 6.28 -1.91
C ALA B 160 4.35 7.10 -0.69
N ARG B 161 3.23 7.81 -0.76
CA ARG B 161 2.82 8.66 0.35
C ARG B 161 2.67 7.84 1.63
N THR B 162 2.11 6.64 1.52
CA THR B 162 1.99 5.77 2.69
C THR B 162 3.33 5.62 3.39
N VAL B 163 4.37 5.29 2.63
CA VAL B 163 5.70 5.15 3.24
C VAL B 163 6.10 6.46 3.89
N ILE B 164 5.91 7.58 3.19
CA ILE B 164 6.17 8.89 3.80
C ILE B 164 5.44 8.99 5.12
N TYR B 165 4.11 8.79 5.10
CA TYR B 165 3.33 8.93 6.33
C TYR B 165 3.89 8.07 7.46
N TYR B 166 4.56 6.97 7.14
CA TYR B 166 5.13 6.17 8.20
C TYR B 166 6.44 6.79 8.69
N VAL B 167 7.36 7.08 7.76
CA VAL B 167 8.70 7.54 8.16
C VAL B 167 8.59 8.78 9.04
N LEU B 168 7.96 9.83 8.51
CA LEU B 168 7.64 11.01 9.30
C LEU B 168 7.04 10.62 10.64
N GLY B 169 5.93 9.87 10.61
CA GLY B 169 5.25 9.53 11.84
C GLY B 169 6.16 8.81 12.81
N PHE B 170 7.03 7.96 12.30
CA PHE B 170 7.89 7.16 13.15
C PHE B 170 9.00 8.02 13.74
N THR B 171 9.48 9.00 12.97
CA THR B 171 10.65 9.75 13.37
C THR B 171 10.27 10.86 14.34
N VAL B 172 9.17 11.56 14.06
CA VAL B 172 8.56 12.47 15.04
C VAL B 172 8.44 11.78 16.39
N ASP B 173 7.74 10.65 16.42
CA ASP B 173 7.58 9.90 17.66
C ASP B 173 8.94 9.45 18.20
N GLU B 174 9.90 9.16 17.32
CA GLU B 174 11.23 8.78 17.79
C GLU B 174 12.03 9.97 18.32
N GLN B 175 11.76 11.18 17.80
CA GLN B 175 12.59 12.31 18.20
C GLN B 175 12.16 12.90 19.54
N SER B 176 10.88 12.78 19.89
CA SER B 176 10.44 13.08 21.25
C SER B 176 11.05 12.12 22.26
N ARG B 177 11.77 11.08 21.82
CA ARG B 177 12.37 10.04 22.66
C ARG B 177 11.28 9.24 23.35
N ARG B 199 17.06 0.83 14.05
CA ARG B 199 16.17 0.38 15.13
C ARG B 199 15.15 -0.65 14.65
N GLN B 200 13.94 -0.57 15.23
CA GLN B 200 12.78 -1.29 14.74
C GLN B 200 11.97 -0.46 13.75
N PHE B 201 12.50 0.70 13.36
CA PHE B 201 12.12 1.32 12.08
C PHE B 201 12.21 0.30 10.94
N ARG B 202 13.26 -0.53 10.97
CA ARG B 202 13.41 -1.61 9.98
C ARG B 202 12.17 -2.49 9.92
N PHE B 203 11.65 -2.91 11.08
CA PHE B 203 10.44 -3.73 11.11
C PHE B 203 9.30 -3.11 10.30
N GLY B 204 8.82 -1.94 10.75
CA GLY B 204 7.64 -1.35 10.13
C GLY B 204 7.84 -1.06 8.65
N LEU B 205 9.06 -0.65 8.28
CA LEU B 205 9.39 -0.56 6.87
C LEU B 205 9.18 -1.90 6.18
N GLN B 206 9.63 -2.99 6.82
CA GLN B 206 9.49 -4.32 6.23
C GLN B 206 8.03 -4.70 6.05
N LEU B 207 7.15 -4.27 6.97
CA LEU B 207 5.71 -4.43 6.73
C LEU B 207 5.29 -3.75 5.44
N LEU B 208 5.70 -2.50 5.25
CA LEU B 208 5.31 -1.80 4.04
C LEU B 208 5.83 -2.49 2.78
N VAL B 209 7.10 -2.90 2.79
CA VAL B 209 7.67 -3.47 1.57
C VAL B 209 7.11 -4.86 1.29
N ASP B 210 6.79 -5.64 2.34
CA ASP B 210 6.08 -6.88 2.13
C ASP B 210 4.72 -6.62 1.48
N GLY B 211 3.96 -5.66 2.03
CA GLY B 211 2.71 -5.28 1.40
C GLY B 211 2.88 -4.86 -0.05
N LEU B 212 4.08 -4.35 -0.40
CA LEU B 212 4.33 -3.96 -1.79
C LEU B 212 4.69 -5.16 -2.68
N ALA B 213 5.28 -6.22 -2.11
CA ALA B 213 5.58 -7.41 -2.90
C ALA B 213 4.29 -8.03 -3.45
N ALA B 214 3.34 -8.30 -2.57
CA ALA B 214 2.01 -8.74 -2.95
C ALA B 214 1.19 -7.64 -3.67
N HIS B 215 1.81 -6.56 -4.13
CA HIS B 215 1.14 -5.44 -4.84
C HIS B 215 0.10 -4.71 -3.98
N GLN F 29 -21.62 27.75 37.63
CA GLN F 29 -20.51 26.88 37.98
C GLN F 29 -20.12 26.06 36.75
N LEU F 30 -18.85 26.17 36.36
CA LEU F 30 -18.31 25.38 35.25
C LEU F 30 -17.98 23.95 35.69
N HIS F 31 -18.07 23.02 34.73
CA HIS F 31 -17.59 21.66 34.90
C HIS F 31 -16.87 21.23 33.64
N LYS F 32 -15.77 20.49 33.81
CA LYS F 32 -14.91 20.04 32.72
C LYS F 32 -15.67 19.67 31.43
N PRO F 33 -16.72 18.85 31.46
CA PRO F 33 -17.36 18.45 30.19
C PRO F 33 -17.88 19.62 29.39
N ASP F 34 -18.35 20.67 30.11
CA ASP F 34 -18.91 21.84 29.45
C ASP F 34 -17.85 22.56 28.63
N VAL F 35 -16.65 22.73 29.20
CA VAL F 35 -15.62 23.48 28.49
C VAL F 35 -14.96 22.64 27.41
N VAL F 36 -14.96 21.30 27.51
CA VAL F 36 -14.45 20.62 26.32
C VAL F 36 -15.51 20.57 25.22
N ALA F 37 -16.79 20.67 25.58
CA ALA F 37 -17.82 20.89 24.56
C ALA F 37 -17.66 22.27 23.89
N ALA F 38 -17.38 23.31 24.68
CA ALA F 38 -17.25 24.65 24.11
C ALA F 38 -16.01 24.73 23.23
N ALA F 39 -14.91 24.10 23.68
CA ALA F 39 -13.70 24.08 22.87
C ALA F 39 -13.88 23.25 21.61
N THR F 40 -14.80 22.29 21.63
CA THR F 40 -15.00 21.50 20.42
C THR F 40 -15.86 22.25 19.41
N LYS F 41 -16.84 23.01 19.93
CA LYS F 41 -17.61 23.95 19.08
C LYS F 41 -16.69 24.96 18.40
N ILE F 42 -15.83 25.61 19.19
CA ILE F 42 -14.83 26.51 18.62
C ILE F 42 -13.99 25.77 17.57
N LEU F 43 -13.51 24.57 17.91
CA LEU F 43 -12.67 23.85 16.96
C LEU F 43 -13.42 23.56 15.66
N ASP F 44 -14.74 23.39 15.75
CA ASP F 44 -15.52 23.08 14.56
C ASP F 44 -15.69 24.32 13.68
N ASP F 45 -16.14 25.41 14.28
CA ASP F 45 -16.49 26.58 13.47
C ASP F 45 -15.24 27.27 12.92
N HIS F 46 -14.17 27.37 13.72
CA HIS F 46 -13.04 28.24 13.41
C HIS F 46 -11.70 27.52 13.19
N GLY F 47 -11.50 26.33 13.73
CA GLY F 47 -10.30 25.55 13.46
C GLY F 47 -9.30 25.61 14.59
N ILE F 48 -8.20 24.89 14.39
CA ILE F 48 -7.27 24.65 15.49
C ILE F 48 -6.53 25.93 15.89
N ALA F 49 -6.16 26.76 14.91
CA ALA F 49 -5.42 27.98 15.21
C ALA F 49 -6.23 28.94 16.06
N ASP F 50 -7.53 29.07 15.81
CA ASP F 50 -8.41 29.89 16.63
C ASP F 50 -8.80 29.26 17.97
N LEU F 51 -8.50 27.98 18.23
CA LEU F 51 -8.82 27.38 19.54
C LEU F 51 -7.77 27.84 20.55
N THR F 52 -8.04 28.98 21.17
CA THR F 52 -7.13 29.60 22.11
C THR F 52 -7.84 29.76 23.45
N MET F 53 -7.03 29.85 24.51
CA MET F 53 -7.57 29.93 25.85
C MET F 53 -8.51 31.11 26.00
N ARG F 54 -8.13 32.29 25.50
CA ARG F 54 -8.98 33.44 25.70
C ARG F 54 -10.19 33.45 24.77
N ARG F 55 -10.08 32.86 23.59
CA ARG F 55 -11.30 32.66 22.79
C ARG F 55 -12.27 31.74 23.51
N LEU F 56 -11.75 30.76 24.25
CA LEU F 56 -12.60 29.79 24.93
C LEU F 56 -13.16 30.37 26.25
N ALA F 57 -12.35 31.16 26.96
CA ALA F 57 -12.83 31.89 28.11
C ALA F 57 -13.96 32.84 27.70
N ARG F 58 -13.75 33.59 26.61
CA ARG F 58 -14.75 34.53 26.15
C ARG F 58 -15.98 33.82 25.57
N GLU F 59 -15.80 32.63 25.00
CA GLU F 59 -16.97 31.92 24.51
C GLU F 59 -17.81 31.35 25.64
N LEU F 60 -17.19 31.22 26.80
CA LEU F 60 -17.83 30.72 27.99
C LEU F 60 -18.08 31.82 28.98
N ASP F 61 -17.92 33.06 28.54
CA ASP F 61 -18.10 34.23 29.35
C ASP F 61 -17.37 34.15 30.65
N VAL F 62 -16.08 33.93 30.59
CA VAL F 62 -15.32 33.87 31.80
C VAL F 62 -13.88 34.27 31.57
N THR F 63 -13.22 34.71 32.61
CA THR F 63 -11.85 35.14 32.54
C THR F 63 -10.97 33.98 32.15
N PRO F 64 -10.01 34.23 31.26
CA PRO F 64 -9.02 33.26 30.80
C PRO F 64 -8.44 32.41 31.92
N GLY F 65 -8.02 32.99 33.04
CA GLY F 65 -7.44 32.25 34.15
C GLY F 65 -8.30 31.27 34.95
N ALA F 66 -9.60 31.30 34.70
CA ALA F 66 -10.52 30.41 35.33
C ALA F 66 -10.25 29.04 34.79
N LEU F 67 -10.05 28.96 33.48
CA LEU F 67 -9.78 27.70 32.83
C LEU F 67 -8.63 26.99 33.49
N TYR F 68 -7.72 27.73 34.10
CA TYR F 68 -6.64 27.00 34.74
C TYR F 68 -7.06 26.25 36.02
N TRP F 69 -8.25 26.52 36.56
CA TRP F 69 -8.67 25.71 37.70
C TRP F 69 -8.98 24.28 37.29
N HIS F 70 -9.40 24.08 36.06
CA HIS F 70 -9.90 22.78 35.63
C HIS F 70 -8.88 21.96 34.83
N PHE F 71 -8.04 22.64 34.04
CA PHE F 71 -6.95 22.03 33.30
C PHE F 71 -5.66 22.66 33.76
N ALA F 72 -4.57 21.89 33.79
CA ALA F 72 -3.29 22.47 34.19
C ALA F 72 -2.74 23.36 33.09
N ASN F 73 -3.12 23.11 31.84
CA ASN F 73 -2.65 23.95 30.74
C ASN F 73 -3.40 23.58 29.47
N LYS F 74 -3.06 24.31 28.40
CA LYS F 74 -3.73 24.11 27.12
C LYS F 74 -3.46 22.72 26.57
N GLN F 75 -2.30 22.16 26.86
CA GLN F 75 -1.98 20.83 26.34
C GLN F 75 -2.93 19.79 26.91
N GLU F 76 -3.17 19.83 28.23
CA GLU F 76 -4.12 18.91 28.84
C GLU F 76 -5.54 19.15 28.32
N LEU F 77 -5.90 20.42 28.08
CA LEU F 77 -7.23 20.74 27.57
C LEU F 77 -7.44 20.16 26.18
N LEU F 78 -6.49 20.41 25.28
CA LEU F 78 -6.54 19.80 23.95
C LEU F 78 -6.54 18.28 24.03
N GLY F 79 -5.91 17.70 25.05
CA GLY F 79 -6.02 16.27 25.23
C GLY F 79 -7.44 15.83 25.54
N ALA F 80 -8.12 16.55 26.44
CA ALA F 80 -9.54 16.30 26.65
C ALA F 80 -10.31 16.38 25.33
N VAL F 81 -10.04 17.42 24.53
CA VAL F 81 -10.77 17.60 23.29
C VAL F 81 -10.55 16.44 22.34
N ALA F 82 -9.29 16.03 22.18
CA ALA F 82 -8.96 14.83 21.41
C ALA F 82 -9.78 13.63 21.87
N ASP F 83 -9.84 13.39 23.19
CA ASP F 83 -10.61 12.26 23.70
C ASP F 83 -12.07 12.36 23.27
N HIS F 84 -12.70 13.51 23.52
CA HIS F 84 -14.09 13.76 23.12
C HIS F 84 -14.31 13.49 21.64
N ILE F 85 -13.35 13.85 20.80
CA ILE F 85 -13.54 13.64 19.36
C ILE F 85 -13.43 12.15 19.03
N LEU F 86 -12.54 11.44 19.71
CA LEU F 86 -12.30 10.05 19.40
C LEU F 86 -13.33 9.09 20.00
N ARG F 87 -14.18 9.53 20.93
CA ARG F 87 -15.16 8.65 21.56
C ARG F 87 -16.16 8.03 20.59
N THR F 88 -16.08 8.37 19.30
CA THR F 88 -16.87 7.68 18.28
C THR F 88 -16.01 6.95 17.26
N ALA F 89 -14.68 7.02 17.38
CA ALA F 89 -13.80 6.18 16.59
C ALA F 89 -13.66 4.78 17.18
N ARG F 90 -14.00 4.62 18.46
CA ARG F 90 -13.93 3.33 19.12
C ARG F 90 -15.02 2.44 18.56
N THR F 91 -14.73 1.16 18.39
CA THR F 91 -15.73 0.22 17.89
C THR F 91 -15.58 -1.10 18.57
N ASP F 92 -16.51 -2.01 18.32
CA ASP F 92 -16.47 -3.35 18.89
C ASP F 92 -16.01 -4.30 17.81
N THR F 93 -14.89 -4.96 18.06
CA THR F 93 -14.32 -5.87 17.08
C THR F 93 -13.72 -7.11 17.71
N ALA F 94 -14.29 -7.54 18.82
CA ALA F 94 -13.79 -8.72 19.49
C ALA F 94 -14.24 -9.97 18.74
N ASP F 95 -15.38 -9.86 18.10
CA ASP F 95 -15.93 -10.98 17.37
C ASP F 95 -15.65 -10.88 15.90
N LEU F 96 -14.53 -10.30 15.52
CA LEU F 96 -14.25 -10.19 14.10
C LEU F 96 -12.84 -10.65 13.74
N ALA F 97 -12.63 -10.91 12.46
CA ALA F 97 -11.34 -11.37 11.97
C ALA F 97 -10.30 -10.27 12.10
N TRP F 98 -9.04 -10.65 12.25
CA TRP F 98 -7.98 -9.69 12.41
C TRP F 98 -7.79 -8.75 11.22
N ARG F 99 -8.09 -9.17 10.00
CA ARG F 99 -7.90 -8.27 8.89
C ARG F 99 -8.91 -7.17 9.02
N GLU F 100 -10.13 -7.52 9.36
CA GLU F 100 -11.17 -6.53 9.54
C GLU F 100 -11.10 -5.92 10.91
N GLN F 101 -10.39 -6.55 11.83
CA GLN F 101 -10.28 -5.96 13.14
C GLN F 101 -9.49 -4.69 12.93
N ILE F 102 -8.69 -4.65 11.88
CA ILE F 102 -7.89 -3.46 11.58
C ILE F 102 -8.67 -2.51 10.68
N HIS F 103 -9.09 -3.01 9.51
CA HIS F 103 -9.77 -2.19 8.52
C HIS F 103 -10.91 -1.39 9.14
N GLU F 104 -11.74 -2.03 9.97
CA GLU F 104 -12.88 -1.33 10.55
C GLU F 104 -12.46 -0.27 11.57
N SER F 105 -11.55 -0.63 12.49
CA SER F 105 -11.18 0.31 13.53
C SER F 105 -10.46 1.53 12.95
N CYS F 106 -9.66 1.32 11.91
CA CYS F 106 -9.01 2.45 11.22
C CYS F 106 -10.03 3.33 10.53
N ARG F 107 -10.90 2.73 9.71
CA ARG F 107 -11.94 3.51 9.04
C ARG F 107 -12.73 4.33 10.06
N ALA F 108 -12.96 3.77 11.26
CA ALA F 108 -13.72 4.47 12.29
C ALA F 108 -12.90 5.58 12.93
N LEU F 109 -11.58 5.39 13.00
CA LEU F 109 -10.69 6.43 13.48
C LEU F 109 -10.75 7.63 12.54
N ARG F 110 -10.28 7.42 11.31
CA ARG F 110 -10.32 8.42 10.26
C ARG F 110 -11.66 9.14 10.20
N ASP F 111 -12.76 8.38 10.25
CA ASP F 111 -14.07 9.02 10.17
C ASP F 111 -14.42 9.80 11.42
N ALA F 112 -13.85 9.47 12.58
CA ALA F 112 -13.99 10.41 13.69
C ALA F 112 -13.17 11.67 13.44
N LEU F 113 -12.05 11.57 12.74
CA LEU F 113 -11.22 12.75 12.54
C LEU F 113 -11.86 13.71 11.53
N LEU F 114 -12.31 13.18 10.39
CA LEU F 114 -12.89 13.95 9.30
C LEU F 114 -14.24 14.61 9.61
N SER F 115 -14.78 14.45 10.82
CA SER F 115 -16.02 15.12 11.16
C SER F 115 -15.78 16.30 12.09
N HIS F 116 -14.53 16.73 12.21
CA HIS F 116 -14.20 17.91 12.98
C HIS F 116 -13.09 18.66 12.25
N THR F 117 -13.28 19.96 12.12
CA THR F 117 -12.30 20.82 11.50
C THR F 117 -10.96 20.65 12.21
N ASP F 118 -9.96 20.17 11.45
CA ASP F 118 -8.60 19.97 11.93
C ASP F 118 -8.52 18.90 13.01
N GLY F 119 -9.49 17.97 13.03
CA GLY F 119 -9.46 16.93 14.04
C GLY F 119 -8.22 16.05 13.95
N ALA F 120 -7.83 15.69 12.73
CA ALA F 120 -6.62 14.89 12.55
C ALA F 120 -5.39 15.61 13.10
N GLU F 121 -5.28 16.91 12.86
CA GLU F 121 -4.12 17.65 13.36
C GLU F 121 -4.10 17.66 14.88
N LEU F 122 -5.28 17.87 15.49
CA LEU F 122 -5.40 17.96 16.94
C LEU F 122 -5.07 16.62 17.59
N VAL F 123 -5.76 15.56 17.17
CA VAL F 123 -5.46 14.22 17.64
C VAL F 123 -3.98 13.91 17.46
N SER F 124 -3.43 14.16 16.25
CA SER F 124 -2.01 13.89 16.02
C SER F 124 -1.15 14.53 17.09
N ALA F 125 -1.47 15.77 17.46
CA ALA F 125 -0.60 16.43 18.43
C ALA F 125 -0.80 15.90 19.85
N SER F 126 -2.03 15.50 20.20
CA SER F 126 -2.26 14.91 21.52
C SER F 126 -1.58 13.55 21.65
N PHE F 127 -1.67 12.72 20.60
CA PHE F 127 -0.87 11.50 20.55
C PHE F 127 0.61 11.80 20.74
N ALA F 128 1.12 12.78 19.98
CA ALA F 128 2.55 13.08 20.03
C ALA F 128 3.00 13.56 21.40
N SER F 129 2.08 14.14 22.20
CA SER F 129 2.43 14.64 23.51
C SER F 129 2.08 13.69 24.66
N GLY F 130 1.37 12.60 24.39
CA GLY F 130 1.03 11.65 25.44
C GLY F 130 -0.13 12.07 26.32
N GLN F 131 -1.22 12.55 25.72
CA GLN F 131 -2.36 13.06 26.45
C GLN F 131 -3.70 12.52 25.97
N SER F 132 -3.80 11.99 24.77
CA SER F 132 -5.03 11.37 24.30
C SER F 132 -5.00 9.91 24.75
N VAL F 133 -5.79 9.59 25.76
CA VAL F 133 -5.79 8.24 26.29
C VAL F 133 -6.51 7.27 25.35
N VAL F 134 -7.65 7.68 24.77
CA VAL F 134 -8.38 6.70 23.99
C VAL F 134 -7.68 6.43 22.68
N ILE F 135 -6.81 7.35 22.24
CA ILE F 135 -5.89 6.99 21.17
C ILE F 135 -5.01 5.82 21.61
N THR F 136 -4.60 5.80 22.89
CA THR F 136 -3.86 4.67 23.43
C THR F 136 -4.68 3.39 23.36
N GLU F 137 -5.92 3.41 23.86
CA GLU F 137 -6.78 2.22 23.77
C GLU F 137 -6.86 1.71 22.33
N ILE F 138 -6.94 2.62 21.36
CA ILE F 138 -6.96 2.22 19.96
C ILE F 138 -5.62 1.57 19.57
N VAL F 139 -4.52 2.02 20.16
CA VAL F 139 -3.22 1.46 19.79
C VAL F 139 -3.06 0.07 20.39
N GLU F 140 -3.43 -0.10 21.66
CA GLU F 140 -3.53 -1.41 22.26
C GLU F 140 -4.37 -2.34 21.39
N GLN F 141 -5.54 -1.86 20.96
CA GLN F 141 -6.43 -2.64 20.10
C GLN F 141 -5.72 -3.08 18.82
N LEU F 142 -5.05 -2.15 18.14
CA LEU F 142 -4.27 -2.52 16.96
C LEU F 142 -3.20 -3.53 17.32
N GLY F 143 -2.69 -3.48 18.55
CA GLY F 143 -1.70 -4.46 18.98
C GLY F 143 -2.26 -5.86 19.07
N ARG F 144 -3.34 -5.98 19.81
CA ARG F 144 -3.98 -7.24 19.98
C ARG F 144 -4.31 -7.82 18.63
N ALA F 145 -4.48 -6.98 17.64
CA ALA F 145 -4.78 -7.51 16.33
C ALA F 145 -3.51 -7.84 15.60
N ALA F 146 -2.40 -7.30 16.06
CA ALA F 146 -1.15 -7.57 15.42
C ALA F 146 -0.79 -8.99 15.77
N ARG F 147 -0.87 -9.29 17.06
CA ARG F 147 -0.55 -10.61 17.59
C ARG F 147 -1.26 -11.69 16.85
N ALA F 148 -2.56 -11.54 16.66
CA ALA F 148 -3.36 -12.51 15.96
C ALA F 148 -3.02 -12.79 14.51
N ALA F 149 -2.34 -11.89 13.82
CA ALA F 149 -1.87 -12.22 12.50
C ALA F 149 -0.58 -13.01 12.55
N GLY F 150 0.11 -12.97 13.68
CA GLY F 150 1.33 -13.72 13.83
C GLY F 150 2.60 -12.95 14.08
N VAL F 151 2.60 -12.03 15.03
CA VAL F 151 3.80 -11.29 15.30
C VAL F 151 4.23 -11.50 16.74
N SER F 152 5.53 -11.41 16.96
CA SER F 152 6.11 -11.63 18.26
C SER F 152 5.65 -10.66 19.32
N ASP F 153 5.59 -11.13 20.55
CA ASP F 153 5.18 -10.31 21.66
C ASP F 153 5.96 -9.01 21.77
N ALA F 154 7.16 -8.98 21.23
CA ALA F 154 7.98 -7.79 21.35
C ALA F 154 7.92 -6.88 20.12
N ASP F 155 7.31 -7.33 19.03
CA ASP F 155 7.05 -6.48 17.88
C ASP F 155 5.61 -6.01 17.79
N VAL F 156 4.82 -6.18 18.85
CA VAL F 156 3.40 -5.85 18.79
C VAL F 156 3.19 -4.34 18.79
N ASP F 157 3.77 -3.65 19.79
CA ASP F 157 3.60 -2.21 19.88
C ASP F 157 4.14 -1.52 18.64
N ALA F 158 5.28 -1.98 18.13
CA ALA F 158 5.82 -1.43 16.89
C ALA F 158 4.84 -1.57 15.74
N ALA F 159 4.23 -2.75 15.60
CA ALA F 159 3.29 -2.95 14.51
C ALA F 159 2.04 -2.10 14.66
N ALA F 160 1.61 -1.80 15.90
CA ALA F 160 0.44 -0.95 16.07
C ALA F 160 0.75 0.52 15.80
N ARG F 161 1.91 0.98 16.28
CA ARG F 161 2.31 2.35 16.04
C ARG F 161 2.51 2.60 14.54
N THR F 162 3.03 1.60 13.82
CA THR F 162 3.17 1.72 12.37
C THR F 162 1.84 2.12 11.71
N VAL F 163 0.76 1.43 12.06
CA VAL F 163 -0.49 1.71 11.35
C VAL F 163 -1.09 3.02 11.84
N ILE F 164 -0.98 3.32 13.16
CA ILE F 164 -1.45 4.63 13.64
C ILE F 164 -0.78 5.76 12.87
N TYR F 165 0.55 5.69 12.71
CA TYR F 165 1.22 6.66 11.86
C TYR F 165 0.57 6.73 10.49
N TYR F 166 0.26 5.57 9.90
CA TYR F 166 -0.35 5.63 8.56
C TYR F 166 -1.65 6.41 8.57
N VAL F 167 -2.58 6.01 9.44
CA VAL F 167 -3.93 6.56 9.34
C VAL F 167 -3.95 8.01 9.77
N LEU F 168 -3.13 8.38 10.76
CA LEU F 168 -3.06 9.77 11.19
C LEU F 168 -2.48 10.66 10.10
N GLY F 169 -1.28 10.29 9.60
CA GLY F 169 -0.66 11.11 8.57
C GLY F 169 -1.54 11.25 7.34
N PHE F 170 -2.21 10.16 6.97
CA PHE F 170 -3.15 10.22 5.85
C PHE F 170 -4.28 11.19 6.14
N THR F 171 -4.95 11.04 7.29
CA THR F 171 -6.13 11.87 7.58
C THR F 171 -5.77 13.35 7.71
N VAL F 172 -4.55 13.64 8.15
CA VAL F 172 -4.07 15.02 8.20
C VAL F 172 -3.89 15.57 6.79
N ASP F 173 -3.16 14.85 5.94
CA ASP F 173 -2.95 15.31 4.57
C ASP F 173 -4.28 15.48 3.83
N GLU F 174 -5.20 14.53 4.01
CA GLU F 174 -6.52 14.65 3.41
C GLU F 174 -7.28 15.84 3.98
N GLN F 175 -7.01 16.21 5.23
CA GLN F 175 -7.75 17.36 5.77
C GLN F 175 -7.18 18.68 5.26
N SER F 176 -5.86 18.83 5.21
CA SER F 176 -5.26 19.97 4.51
C SER F 176 -5.84 20.10 3.10
N ARG F 177 -5.63 19.06 2.29
CA ARG F 177 -6.10 19.05 0.90
C ARG F 177 -7.58 19.41 0.78
N LEU F 178 -8.42 18.86 1.66
CA LEU F 178 -9.85 19.16 1.61
C LEU F 178 -10.11 20.62 1.93
N GLN F 179 -9.69 21.07 3.12
CA GLN F 179 -10.00 22.40 3.61
C GLN F 179 -9.25 23.47 2.83
N TRP F 180 -8.63 23.10 1.71
CA TRP F 180 -7.97 24.04 0.81
C TRP F 180 -8.22 23.66 -0.65
N ARG F 199 -12.38 6.00 0.55
CA ARG F 199 -11.22 6.44 -0.23
C ARG F 199 -10.20 5.32 -0.40
N GLN F 200 -9.16 5.56 -1.22
CA GLN F 200 -8.00 4.68 -1.32
C GLN F 200 -7.03 4.85 -0.14
N PHE F 201 -7.57 5.40 0.96
CA PHE F 201 -7.19 5.00 2.31
C PHE F 201 -7.07 3.48 2.41
N ARG F 202 -8.14 2.79 2.00
CA ARG F 202 -8.27 1.34 2.02
C ARG F 202 -7.02 0.71 1.41
N PHE F 203 -6.46 1.36 0.40
CA PHE F 203 -5.26 0.87 -0.25
C PHE F 203 -4.09 0.74 0.72
N GLY F 204 -3.52 1.87 1.14
CA GLY F 204 -2.34 1.81 2.00
C GLY F 204 -2.58 1.00 3.25
N LEU F 205 -3.81 1.04 3.76
CA LEU F 205 -4.17 0.09 4.81
C LEU F 205 -3.92 -1.34 4.37
N GLN F 206 -4.36 -1.71 3.16
CA GLN F 206 -4.18 -3.08 2.68
C GLN F 206 -2.72 -3.44 2.48
N LEU F 207 -1.87 -2.48 2.11
CA LEU F 207 -0.43 -2.75 2.15
C LEU F 207 -0.02 -3.15 3.56
N LEU F 208 -0.54 -2.44 4.56
CA LEU F 208 -0.16 -2.73 5.95
C LEU F 208 -0.61 -4.13 6.37
N VAL F 209 -1.87 -4.49 6.11
CA VAL F 209 -2.36 -5.78 6.57
C VAL F 209 -1.72 -6.93 5.77
N ASP F 210 -1.58 -6.76 4.44
CA ASP F 210 -0.88 -7.76 3.65
C ASP F 210 0.51 -8.03 4.21
N GLY F 211 1.28 -6.97 4.44
CA GLY F 211 2.60 -7.16 5.04
C GLY F 211 2.57 -7.71 6.45
N LEU F 212 1.40 -7.63 7.13
CA LEU F 212 1.27 -8.23 8.45
C LEU F 212 0.95 -9.73 8.40
N ALA F 213 0.30 -10.18 7.32
CA ALA F 213 0.01 -11.60 7.16
C ALA F 213 1.27 -12.45 7.05
N ALA F 214 2.40 -11.84 6.69
CA ALA F 214 3.66 -12.55 6.54
C ALA F 214 4.29 -12.87 7.90
N HIS F 215 3.49 -12.83 8.97
CA HIS F 215 3.96 -13.01 10.37
C HIS F 215 4.89 -11.89 10.87
#